data_4QGT
#
_entry.id   4QGT
#
_cell.length_a   154.072
_cell.length_b   49.190
_cell.length_c   75.536
_cell.angle_alpha   90.00
_cell.angle_beta   104.21
_cell.angle_gamma   90.00
#
_symmetry.space_group_name_H-M   'C 1 2 1'
#
loop_
_entity.id
_entity.type
_entity.pdbx_description
1 polymer 'Hepatitis B virus receptor binding protein'
2 branched 2-acetamido-2-deoxy-beta-D-glucopyranose-(1-2)-alpha-D-mannopyranose-(1-6)-beta-D-mannopyranose-(1-4)-2-acetamido-2-deoxy-beta-D-glucopyranose-(1-4)-2-acetamido-2-deoxy-beta-D-glucopyranose
3 branched 2-acetamido-2-deoxy-beta-D-glucopyranose-(1-2)-alpha-D-mannopyranose-(1-3)-[2-acetamido-2-deoxy-beta-D-glucopyranose-(1-2)-alpha-D-mannopyranose-(1-6)]beta-D-mannopyranose-(1-4)-2-acetamido-2-deoxy-beta-D-glucopyranose-(1-4)-[alpha-L-fucopyranose-(1-6)]2-acetamido-2-deoxy-beta-D-glucopyranose
4 non-polymer GLYCEROL
5 water water
#
_entity_poly.entity_id   1
_entity_poly.type   'polypeptide(L)'
_entity_poly.pdbx_seq_one_letter_code
;FEPKSCDKTHTCPPCPAPELLGGPSVFLFPPKPKDTLMISRTPEVTCVVVDVSHEDPEVKFNWYVDGVEVHNAKTKPREE
FANSTYRVVSVLTVLHQDWLNGKEYKCKVSNKALPAPIEKTISKAKGQPREPQVYTLPPSREEMTKNQVSLTCLVKGFYP
SDIAVEWESNGQPENNYKTTPPVLDSDGSFFLYSKLTVDKSRWQQGNVFSCSVMHEALHNHYTQKSLSLSPGK
;
_entity_poly.pdbx_strand_id   A,B
#
loop_
_chem_comp.id
_chem_comp.type
_chem_comp.name
_chem_comp.formula
BMA D-saccharide, beta linking beta-D-mannopyranose 'C6 H12 O6'
FUC L-saccharide, alpha linking alpha-L-fucopyranose 'C6 H12 O5'
GOL non-polymer GLYCEROL 'C3 H8 O3'
MAN D-saccharide, alpha linking alpha-D-mannopyranose 'C6 H12 O6'
NAG D-saccharide, beta linking 2-acetamido-2-deoxy-beta-D-glucopyranose 'C8 H15 N O6'
#
# COMPACT_ATOMS: atom_id res chain seq x y z
N GLY A 23 -16.52 -7.28 -24.41
CA GLY A 23 -15.44 -8.11 -24.88
C GLY A 23 -14.07 -7.60 -24.47
N PRO A 24 -13.41 -6.86 -25.37
CA PRO A 24 -12.07 -6.29 -25.12
C PRO A 24 -12.10 -5.26 -23.99
N SER A 25 -11.07 -5.27 -23.15
CA SER A 25 -11.01 -4.31 -22.05
C SER A 25 -10.05 -3.17 -22.35
N VAL A 26 -10.40 -1.97 -21.89
CA VAL A 26 -9.54 -0.81 -22.07
C VAL A 26 -9.17 -0.23 -20.72
N PHE A 27 -7.85 -0.13 -20.48
CA PHE A 27 -7.32 0.38 -19.22
C PHE A 27 -6.42 1.57 -19.51
N LEU A 28 -6.61 2.65 -18.78
CA LEU A 28 -5.83 3.87 -19.01
C LEU A 28 -5.04 4.31 -17.77
N PHE A 29 -3.79 4.69 -18.00
CA PHE A 29 -2.88 5.07 -16.91
C PHE A 29 -2.30 6.47 -17.09
N PRO A 30 -2.13 7.20 -15.98
CA PRO A 30 -1.59 8.55 -15.89
C PRO A 30 -0.06 8.58 -16.04
N PRO A 31 0.51 9.76 -16.32
CA PRO A 31 1.97 9.87 -16.37
C PRO A 31 2.61 9.70 -15.01
N LYS A 32 3.88 9.28 -15.00
CA LYS A 32 4.65 9.19 -13.77
C LYS A 32 4.80 10.57 -13.15
N PRO A 33 4.68 10.65 -11.81
CA PRO A 33 4.72 11.93 -11.08
C PRO A 33 5.99 12.73 -11.37
N LYS A 34 7.11 12.04 -11.55
CA LYS A 34 8.39 12.70 -11.79
C LYS A 34 8.44 13.37 -13.15
N ASP A 35 7.67 12.84 -14.09
CA ASP A 35 7.66 13.32 -15.46
C ASP A 35 7.03 14.71 -15.59
N THR A 36 6.02 14.97 -14.76
CA THR A 36 5.29 16.23 -14.83
C THR A 36 5.92 17.35 -13.99
N LEU A 37 6.80 16.99 -13.07
CA LEU A 37 7.42 17.96 -12.19
C LEU A 37 8.72 18.52 -12.77
N MET A 38 9.08 18.04 -13.95
CA MET A 38 10.26 18.53 -14.66
C MET A 38 9.98 18.68 -16.14
N ILE A 39 10.15 19.90 -16.65
CA ILE A 39 9.96 20.19 -18.07
C ILE A 39 10.94 19.39 -18.92
N SER A 40 12.11 19.10 -18.35
CA SER A 40 13.13 18.33 -19.02
C SER A 40 12.62 16.96 -19.44
N ARG A 41 11.87 16.31 -18.56
CA ARG A 41 11.33 14.99 -18.83
C ARG A 41 10.06 15.09 -19.65
N THR A 42 9.55 13.94 -20.11
CA THR A 42 8.36 13.91 -20.93
C THR A 42 7.26 13.03 -20.33
N PRO A 43 6.14 13.65 -19.93
CA PRO A 43 4.99 12.91 -19.37
C PRO A 43 4.16 12.25 -20.46
N GLU A 44 3.64 11.07 -20.16
CA GLU A 44 2.85 10.32 -21.14
C GLU A 44 1.59 9.70 -20.53
N VAL A 45 0.49 9.78 -21.27
CA VAL A 45 -0.74 9.11 -20.88
C VAL A 45 -0.89 7.84 -21.71
N THR A 46 -1.16 6.72 -21.04
CA THR A 46 -1.10 5.42 -21.69
C THR A 46 -2.44 4.71 -21.78
N CYS A 47 -2.90 4.51 -23.02
CA CYS A 47 -4.15 3.81 -23.28
C CYS A 47 -3.87 2.36 -23.66
N VAL A 48 -3.77 1.50 -22.65
CA VAL A 48 -3.47 0.09 -22.83
C VAL A 48 -4.76 -0.68 -23.08
N VAL A 49 -4.88 -1.31 -24.25
CA VAL A 49 -6.02 -2.16 -24.55
C VAL A 49 -5.67 -3.64 -24.45
N VAL A 50 -6.32 -4.34 -23.52
CA VAL A 50 -6.05 -5.76 -23.34
C VAL A 50 -7.27 -6.60 -23.73
N ASP A 51 -7.04 -7.91 -23.85
CA ASP A 51 -8.04 -8.85 -24.35
C ASP A 51 -8.58 -8.40 -25.70
N VAL A 52 -7.67 -8.10 -26.63
CA VAL A 52 -8.03 -7.58 -27.95
C VAL A 52 -8.90 -8.56 -28.74
N SER A 53 -8.72 -9.85 -28.46
CA SER A 53 -9.33 -10.94 -29.24
C SER A 53 -8.34 -11.55 -30.23
N HIS A 54 -8.79 -12.58 -30.95
CA HIS A 54 -7.95 -13.34 -31.87
C HIS A 54 -8.76 -13.80 -33.06
N GLU A 55 -8.27 -13.53 -34.27
CA GLU A 55 -9.07 -13.69 -35.48
C GLU A 55 -9.72 -12.36 -35.79
N ASP A 56 -9.57 -11.44 -34.83
CA ASP A 56 -9.70 -10.01 -35.01
C ASP A 56 -8.66 -9.32 -34.14
N PRO A 57 -7.70 -8.66 -34.80
CA PRO A 57 -6.67 -7.87 -34.12
C PRO A 57 -6.82 -6.38 -34.37
N GLU A 58 -7.88 -5.99 -35.07
CA GLU A 58 -8.10 -4.59 -35.43
C GLU A 58 -8.52 -3.71 -34.27
N VAL A 59 -8.07 -2.46 -34.28
CA VAL A 59 -8.50 -1.47 -33.29
C VAL A 59 -8.17 -0.05 -33.72
N LYS A 60 -9.04 0.89 -33.35
CA LYS A 60 -8.87 2.30 -33.69
C LYS A 60 -8.87 3.15 -32.42
N PHE A 61 -8.03 4.19 -32.39
CA PHE A 61 -7.93 5.05 -31.22
C PHE A 61 -8.33 6.49 -31.51
N ASN A 62 -9.07 7.09 -30.58
CA ASN A 62 -9.40 8.51 -30.64
C ASN A 62 -9.11 9.22 -29.33
N TRP A 63 -8.05 10.02 -29.32
CA TRP A 63 -7.65 10.75 -28.12
C TRP A 63 -8.33 12.10 -28.01
N TYR A 64 -8.75 12.47 -26.81
CA TYR A 64 -9.43 13.73 -26.57
C TYR A 64 -8.84 14.47 -25.37
N VAL A 65 -8.67 15.77 -25.52
CA VAL A 65 -8.25 16.62 -24.40
C VAL A 65 -9.33 17.65 -24.09
N ASP A 66 -9.97 17.50 -22.94
CA ASP A 66 -11.09 18.35 -22.53
C ASP A 66 -12.16 18.40 -23.62
N GLY A 67 -12.39 17.26 -24.27
CA GLY A 67 -13.37 17.17 -25.34
C GLY A 67 -12.75 17.34 -26.72
N VAL A 68 -11.72 18.18 -26.79
CA VAL A 68 -11.05 18.47 -28.05
C VAL A 68 -10.06 17.36 -28.45
N GLU A 69 -10.37 16.66 -29.53
CA GLU A 69 -9.53 15.56 -29.99
C GLU A 69 -8.15 16.04 -30.45
N VAL A 70 -7.13 15.22 -30.24
CA VAL A 70 -5.79 15.53 -30.72
C VAL A 70 -5.20 14.32 -31.47
N HIS A 71 -4.60 14.59 -32.64
CA HIS A 71 -3.97 13.55 -33.46
C HIS A 71 -2.73 12.88 -32.85
N ASN A 72 -1.90 13.64 -32.13
CA ASN A 72 -0.51 13.24 -31.93
C ASN A 72 -0.29 12.13 -30.89
N ALA A 73 -0.77 10.93 -31.20
CA ALA A 73 -0.55 9.77 -30.33
C ALA A 73 0.15 8.65 -31.09
N LYS A 74 1.15 8.05 -30.45
CA LYS A 74 1.93 6.99 -31.08
C LYS A 74 1.63 5.59 -30.55
N THR A 75 1.24 4.70 -31.45
CA THR A 75 1.08 3.28 -31.14
C THR A 75 2.46 2.64 -31.04
N LYS A 76 2.60 1.63 -30.18
CA LYS A 76 3.88 0.95 -30.02
C LYS A 76 3.85 -0.58 -30.28
N PRO A 77 3.04 -1.34 -29.52
CA PRO A 77 3.15 -2.81 -29.63
C PRO A 77 2.79 -3.38 -31.00
N ARG A 78 1.71 -2.90 -31.59
CA ARG A 78 1.19 -3.40 -32.88
C ARG A 78 0.42 -4.70 -32.73
N GLU A 79 0.00 -5.26 -33.87
CA GLU A 79 -1.01 -6.30 -33.97
C GLU A 79 -0.82 -7.48 -33.02
N GLU A 80 -1.94 -8.01 -32.51
CA GLU A 80 -1.93 -9.03 -31.47
C GLU A 80 -1.39 -10.37 -31.96
N PHE A 81 -0.58 -10.98 -31.10
CA PHE A 81 -0.02 -12.33 -31.28
C PHE A 81 -0.08 -13.32 -30.09
N ALA A 82 -0.56 -12.87 -28.92
CA ALA A 82 -0.30 -13.56 -27.63
C ALA A 82 -1.28 -14.63 -27.10
N ASN A 83 -1.22 -14.92 -25.80
CA ASN A 83 -1.70 -16.18 -25.19
C ASN A 83 -3.16 -16.36 -25.52
N SER A 84 -3.89 -15.27 -25.36
CA SER A 84 -5.12 -15.01 -26.04
C SER A 84 -4.86 -13.78 -26.90
N THR A 85 -4.04 -12.88 -26.36
CA THR A 85 -3.76 -11.62 -26.99
C THR A 85 -2.46 -10.96 -26.55
N TYR A 86 -1.95 -10.09 -27.41
CA TYR A 86 -0.82 -9.24 -27.09
C TYR A 86 -1.39 -7.82 -27.09
N ARG A 87 -1.17 -7.09 -26.00
CA ARG A 87 -1.86 -5.82 -25.81
C ARG A 87 -1.44 -4.77 -26.84
N VAL A 88 -2.42 -4.05 -27.35
CA VAL A 88 -2.21 -3.02 -28.36
C VAL A 88 -2.38 -1.73 -27.60
N VAL A 89 -1.38 -0.87 -27.69
CA VAL A 89 -1.27 0.25 -26.76
C VAL A 89 -1.01 1.56 -27.50
N SER A 90 -1.62 2.63 -27.01
CA SER A 90 -1.42 3.96 -27.57
C SER A 90 -0.87 4.94 -26.53
N VAL A 91 0.16 5.70 -26.91
CA VAL A 91 0.79 6.63 -25.98
C VAL A 91 0.65 8.08 -26.43
N LEU A 92 0.16 8.91 -25.51
CA LEU A 92 0.01 10.34 -25.77
C LEU A 92 1.05 11.15 -25.02
N THR A 93 1.71 12.08 -25.70
CA THR A 93 2.62 13.00 -25.04
C THR A 93 1.86 14.27 -24.68
N VAL A 94 1.89 14.64 -23.39
CA VAL A 94 1.09 15.75 -22.91
C VAL A 94 1.96 16.87 -22.34
N LEU A 95 1.38 18.06 -22.21
CA LEU A 95 2.07 19.19 -21.62
C LEU A 95 2.06 19.08 -20.10
N HIS A 96 3.20 19.37 -19.48
CA HIS A 96 3.35 19.29 -18.03
C HIS A 96 2.26 20.06 -17.28
N GLN A 97 2.18 21.36 -17.57
CA GLN A 97 1.23 22.22 -16.88
C GLN A 97 -0.21 21.89 -17.24
N ASP A 98 -0.42 21.39 -18.45
CA ASP A 98 -1.75 20.97 -18.88
C ASP A 98 -2.27 19.84 -18.00
N TRP A 99 -1.36 18.95 -17.59
CA TRP A 99 -1.69 17.90 -16.64
C TRP A 99 -1.81 18.49 -15.24
N LEU A 100 -0.97 19.49 -14.96
CA LEU A 100 -0.99 20.15 -13.66
C LEU A 100 -2.20 21.07 -13.51
N ASN A 101 -2.72 21.56 -14.63
CA ASN A 101 -3.93 22.37 -14.61
C ASN A 101 -5.19 21.53 -14.78
N GLY A 102 -5.14 20.30 -14.27
CA GLY A 102 -6.29 19.42 -14.20
C GLY A 102 -7.11 19.24 -15.48
N LYS A 103 -6.44 19.14 -16.61
CA LYS A 103 -7.13 18.85 -17.86
C LYS A 103 -7.48 17.36 -17.93
N GLU A 104 -8.64 17.04 -18.47
CA GLU A 104 -9.09 15.66 -18.53
C GLU A 104 -8.76 15.03 -19.87
N TYR A 105 -8.09 13.89 -19.82
CA TYR A 105 -7.70 13.15 -21.02
C TYR A 105 -8.60 11.93 -21.21
N LYS A 106 -9.14 11.79 -22.42
CA LYS A 106 -10.11 10.73 -22.68
C LYS A 106 -9.72 9.87 -23.87
N CYS A 107 -9.55 8.57 -23.64
CA CYS A 107 -9.22 7.64 -24.72
C CYS A 107 -10.49 6.97 -25.23
N LYS A 108 -10.66 6.96 -26.55
CA LYS A 108 -11.81 6.33 -27.17
C LYS A 108 -11.39 5.15 -28.04
N VAL A 109 -11.58 3.94 -27.54
CA VAL A 109 -11.18 2.74 -28.26
C VAL A 109 -12.34 2.14 -29.05
N SER A 110 -12.13 1.95 -30.35
CA SER A 110 -13.15 1.40 -31.22
C SER A 110 -12.66 0.14 -31.93
N ALA A 113 -15.35 -5.76 -33.73
CA ALA A 113 -16.03 -6.72 -32.86
C ALA A 113 -16.47 -6.06 -31.56
N LEU A 114 -17.26 -4.99 -31.69
CA LEU A 114 -17.72 -4.24 -30.53
C LEU A 114 -18.90 -3.35 -30.91
N PRO A 115 -19.99 -3.42 -30.14
CA PRO A 115 -21.21 -2.65 -30.43
C PRO A 115 -21.06 -1.17 -30.10
N ALA A 116 -20.19 -0.85 -29.15
CA ALA A 116 -20.02 0.53 -28.71
C ALA A 116 -18.61 0.78 -28.21
N PRO A 117 -17.97 1.85 -28.72
CA PRO A 117 -16.57 2.12 -28.37
C PRO A 117 -16.39 2.40 -26.89
N ILE A 118 -15.33 1.86 -26.29
CA ILE A 118 -15.04 2.10 -24.88
C ILE A 118 -14.34 3.44 -24.70
N GLU A 119 -14.85 4.26 -23.81
CA GLU A 119 -14.23 5.56 -23.53
C GLU A 119 -13.81 5.67 -22.07
N LYS A 120 -12.51 5.86 -21.84
CA LYS A 120 -12.01 6.06 -20.48
C LYS A 120 -11.51 7.48 -20.29
N THR A 121 -11.52 7.96 -19.05
CA THR A 121 -11.10 9.33 -18.78
C THR A 121 -10.23 9.38 -17.53
N ILE A 122 -9.17 10.18 -17.55
CA ILE A 122 -8.33 10.36 -16.36
C ILE A 122 -7.74 11.76 -16.33
N SER A 123 -7.35 12.21 -15.14
CA SER A 123 -6.76 13.53 -14.96
C SER A 123 -6.09 13.60 -13.59
N LYS A 124 -5.46 14.73 -13.30
CA LYS A 124 -4.80 14.93 -12.03
C LYS A 124 -5.81 14.81 -10.90
N ALA A 125 -5.41 14.20 -9.79
CA ALA A 125 -6.29 14.03 -8.64
C ALA A 125 -6.81 15.38 -8.15
N LYS A 126 -8.12 15.57 -8.27
CA LYS A 126 -8.74 16.82 -7.88
C LYS A 126 -8.68 17.04 -6.37
N GLY A 127 -8.63 18.30 -5.96
CA GLY A 127 -8.56 18.65 -4.56
C GLY A 127 -7.71 19.88 -4.32
N GLN A 128 -7.37 20.12 -3.06
CA GLN A 128 -6.51 21.24 -2.70
C GLN A 128 -5.08 20.78 -2.46
N PRO A 129 -4.14 21.31 -3.25
CA PRO A 129 -2.72 20.94 -3.09
C PRO A 129 -2.16 21.45 -1.77
N ARG A 130 -1.32 20.63 -1.12
CA ARG A 130 -0.70 21.05 0.13
C ARG A 130 0.81 20.86 0.08
N GLU A 131 1.53 21.86 0.60
CA GLU A 131 2.99 21.85 0.58
C GLU A 131 3.53 20.83 1.58
N PRO A 132 4.23 19.81 1.06
CA PRO A 132 4.78 18.75 1.91
C PRO A 132 5.85 19.26 2.86
N GLN A 133 5.98 18.61 4.01
CA GLN A 133 7.10 18.89 4.91
C GLN A 133 8.01 17.68 4.98
N VAL A 134 9.31 17.92 5.04
CA VAL A 134 10.28 16.83 4.98
C VAL A 134 11.20 16.84 6.19
N TYR A 135 11.16 15.77 6.97
CA TYR A 135 11.98 15.66 8.17
C TYR A 135 12.85 14.40 8.12
N THR A 136 14.16 14.59 8.10
CA THR A 136 15.08 13.47 8.09
C THR A 136 15.36 12.95 9.50
N LEU A 137 15.36 11.63 9.65
CA LEU A 137 15.51 11.01 10.96
C LEU A 137 16.69 10.02 10.97
N PRO A 138 17.66 10.28 11.86
CA PRO A 138 18.82 9.42 12.08
C PRO A 138 18.41 8.05 12.64
N PRO A 139 19.30 7.05 12.57
CA PRO A 139 19.00 5.75 13.15
C PRO A 139 18.95 5.82 14.68
N SER A 140 18.32 4.84 15.30
CA SER A 140 18.30 4.77 16.77
C SER A 140 19.68 4.37 17.29
N ARG A 141 19.92 4.64 18.57
CA ARG A 141 21.17 4.25 19.20
C ARG A 141 21.17 2.76 19.48
N GLU A 142 19.96 2.19 19.46
CA GLU A 142 19.74 0.75 19.55
C GLU A 142 20.31 0.02 18.35
N GLU A 143 20.17 0.67 17.20
CA GLU A 143 20.56 0.15 15.89
C GLU A 143 22.08 0.10 15.64
N MET A 144 22.86 0.76 16.48
CA MET A 144 24.28 0.89 16.18
C MET A 144 24.85 -0.51 16.07
N THR A 145 24.32 -1.38 16.91
CA THR A 145 24.85 -2.73 17.11
C THR A 145 25.16 -3.38 15.77
N LYS A 146 24.32 -3.10 14.79
CA LYS A 146 24.42 -3.71 13.47
C LYS A 146 25.29 -2.86 12.55
N ASN A 147 26.11 -3.52 11.72
CA ASN A 147 27.00 -2.82 10.82
C ASN A 147 26.30 -2.36 9.54
N GLN A 148 24.97 -2.46 9.55
CA GLN A 148 24.15 -1.92 8.47
C GLN A 148 22.93 -1.19 9.03
N VAL A 149 23.03 0.12 9.16
CA VAL A 149 21.96 0.91 9.77
C VAL A 149 21.03 1.54 8.73
N SER A 150 20.02 2.26 9.23
CA SER A 150 18.99 2.84 8.39
C SER A 150 18.80 4.34 8.61
N LEU A 151 18.58 5.05 7.52
CA LEU A 151 18.26 6.47 7.54
C LEU A 151 16.80 6.64 7.13
N THR A 152 16.12 7.62 7.71
CA THR A 152 14.69 7.76 7.46
C THR A 152 14.35 9.14 6.89
N CYS A 153 13.37 9.18 6.00
CA CYS A 153 12.85 10.44 5.48
C CYS A 153 11.33 10.49 5.63
N LEU A 154 10.85 11.43 6.41
CA LEU A 154 9.42 11.57 6.66
C LEU A 154 8.83 12.70 5.82
N VAL A 155 7.91 12.35 4.93
CA VAL A 155 7.23 13.34 4.11
C VAL A 155 5.77 13.44 4.54
N LYS A 156 5.41 14.59 5.12
CA LYS A 156 4.12 14.73 5.79
C LYS A 156 3.26 15.81 5.15
N GLY A 157 1.96 15.54 5.10
CA GLY A 157 0.97 16.55 4.71
C GLY A 157 1.03 17.05 3.29
N PHE A 158 1.06 16.13 2.33
CA PHE A 158 1.02 16.52 0.92
C PHE A 158 -0.26 16.04 0.25
N TYR A 159 -0.64 16.73 -0.81
CA TYR A 159 -1.79 16.32 -1.62
C TYR A 159 -1.62 16.88 -3.03
N PRO A 160 -1.92 16.06 -4.06
CA PRO A 160 -2.38 14.67 -3.97
C PRO A 160 -1.27 13.66 -3.66
N SER A 161 -1.58 12.38 -3.80
CA SER A 161 -0.63 11.31 -3.49
C SER A 161 0.53 11.28 -4.47
N ASP A 162 0.34 11.89 -5.64
CA ASP A 162 1.39 11.94 -6.66
C ASP A 162 2.63 12.64 -6.11
N ILE A 163 3.65 11.85 -5.80
CA ILE A 163 4.88 12.39 -5.23
C ILE A 163 6.08 11.53 -5.60
N ALA A 164 7.27 12.11 -5.52
CA ALA A 164 8.51 11.37 -5.79
C ALA A 164 9.48 11.50 -4.61
N VAL A 165 10.13 10.41 -4.26
CA VAL A 165 11.13 10.43 -3.19
C VAL A 165 12.35 9.61 -3.56
N GLU A 166 13.52 10.25 -3.55
CA GLU A 166 14.77 9.58 -3.91
C GLU A 166 15.87 9.91 -2.90
N TRP A 167 16.83 9.01 -2.77
CA TRP A 167 17.93 9.20 -1.83
C TRP A 167 19.24 9.48 -2.56
N GLU A 168 20.06 10.37 -1.98
CA GLU A 168 21.28 10.81 -2.65
C GLU A 168 22.45 10.89 -1.67
N SER A 169 23.66 10.75 -2.18
CA SER A 169 24.85 10.95 -1.37
C SER A 169 26.00 11.51 -2.20
N ASN A 170 26.36 12.75 -1.91
CA ASN A 170 27.41 13.46 -2.65
C ASN A 170 27.21 13.40 -4.17
N GLY A 171 26.07 13.90 -4.63
CA GLY A 171 25.77 13.95 -6.04
C GLY A 171 25.36 12.63 -6.67
N GLN A 172 25.98 11.53 -6.24
CA GLN A 172 25.69 10.22 -6.82
C GLN A 172 24.52 9.53 -6.12
N PRO A 173 23.46 9.23 -6.89
CA PRO A 173 22.24 8.61 -6.39
C PRO A 173 22.38 7.11 -6.10
N GLU A 174 22.89 6.77 -4.92
CA GLU A 174 22.93 5.38 -4.52
C GLU A 174 21.52 4.94 -4.13
N ASN A 175 21.08 3.80 -4.63
CA ASN A 175 19.81 3.23 -4.22
C ASN A 175 19.94 1.93 -3.46
N ASN A 176 19.92 2.04 -2.13
CA ASN A 176 19.62 0.93 -1.26
C ASN A 176 18.50 1.38 -0.33
N TYR A 177 17.48 1.98 -0.94
CA TYR A 177 16.36 2.53 -0.18
C TYR A 177 15.03 1.94 -0.65
N LYS A 178 14.14 1.71 0.31
CA LYS A 178 12.77 1.32 -0.02
C LYS A 178 11.80 2.41 0.42
N THR A 179 10.75 2.62 -0.36
CA THR A 179 9.80 3.69 -0.12
C THR A 179 8.39 3.14 0.07
N THR A 180 7.77 3.48 1.19
CA THR A 180 6.42 3.03 1.50
C THR A 180 5.40 3.86 0.74
N PRO A 181 4.28 3.25 0.33
CA PRO A 181 3.20 3.96 -0.38
C PRO A 181 2.66 5.12 0.45
N PRO A 182 2.06 6.12 -0.22
CA PRO A 182 1.42 7.23 0.50
C PRO A 182 0.18 6.75 1.27
N VAL A 183 0.05 7.20 2.51
CA VAL A 183 -1.05 6.78 3.36
C VAL A 183 -1.97 7.94 3.70
N LEU A 184 -3.27 7.71 3.60
CA LEU A 184 -4.27 8.73 3.93
C LEU A 184 -4.23 9.04 5.42
N ASP A 185 -3.82 10.26 5.76
CA ASP A 185 -3.72 10.68 7.15
C ASP A 185 -5.02 11.29 7.65
N SER A 186 -5.15 11.37 8.97
CA SER A 186 -6.36 11.82 9.64
C SER A 186 -6.93 13.13 9.10
N ASP A 187 -6.06 14.14 8.95
CA ASP A 187 -6.50 15.47 8.52
C ASP A 187 -6.76 15.56 7.01
N GLY A 188 -6.92 14.42 6.36
CA GLY A 188 -7.21 14.38 4.94
C GLY A 188 -5.99 14.51 4.06
N SER A 189 -4.82 14.61 4.70
CA SER A 189 -3.56 14.74 3.96
C SER A 189 -2.93 13.38 3.73
N PHE A 190 -1.95 13.33 2.84
CA PHE A 190 -1.19 12.11 2.62
C PHE A 190 0.20 12.23 3.25
N PHE A 191 0.78 11.10 3.61
CA PHE A 191 2.13 11.08 4.14
C PHE A 191 2.83 9.77 3.79
N LEU A 192 4.14 9.75 3.92
CA LEU A 192 4.91 8.53 3.77
C LEU A 192 6.26 8.62 4.46
N TYR A 193 6.88 7.47 4.65
CA TYR A 193 8.27 7.39 5.10
C TYR A 193 9.14 6.79 4.01
N SER A 194 10.45 6.90 4.18
CA SER A 194 11.39 6.29 3.24
C SER A 194 12.63 5.81 3.99
N LYS A 195 13.07 4.59 3.71
CA LYS A 195 14.18 4.03 4.46
C LYS A 195 15.38 3.70 3.57
N LEU A 196 16.47 4.43 3.77
CA LEU A 196 17.71 4.18 3.07
C LEU A 196 18.64 3.31 3.92
N THR A 197 19.01 2.14 3.41
CA THR A 197 19.87 1.25 4.18
C THR A 197 21.33 1.45 3.79
N VAL A 198 22.15 1.86 4.75
CA VAL A 198 23.58 2.06 4.49
C VAL A 198 24.43 1.32 5.51
N ASP A 199 25.71 1.16 5.20
CA ASP A 199 26.66 0.57 6.14
C ASP A 199 26.85 1.52 7.33
N LYS A 200 27.03 0.96 8.51
CA LYS A 200 27.18 1.78 9.70
C LYS A 200 28.41 2.65 9.51
N SER A 201 29.45 2.08 8.91
CA SER A 201 30.70 2.79 8.67
C SER A 201 30.49 4.21 8.15
N ARG A 202 29.67 4.36 7.12
CA ARG A 202 29.47 5.66 6.48
C ARG A 202 28.88 6.66 7.47
N TRP A 203 27.95 6.19 8.30
CA TRP A 203 27.34 7.04 9.31
C TRP A 203 28.34 7.37 10.41
N GLN A 204 29.29 6.47 10.64
CA GLN A 204 30.30 6.66 11.67
C GLN A 204 31.32 7.72 11.24
N GLN A 205 31.67 7.72 9.96
CA GLN A 205 32.58 8.72 9.41
C GLN A 205 31.99 10.12 9.57
N GLY A 206 30.73 10.27 9.18
CA GLY A 206 30.04 11.54 9.29
C GLY A 206 29.61 12.05 7.94
N ASN A 207 29.44 11.14 6.99
CA ASN A 207 29.01 11.47 5.64
C ASN A 207 27.63 12.13 5.63
N VAL A 208 27.32 12.81 4.54
CA VAL A 208 26.03 13.48 4.38
C VAL A 208 25.15 12.75 3.38
N PHE A 209 23.88 12.57 3.74
CA PHE A 209 22.94 11.89 2.86
C PHE A 209 21.69 12.73 2.69
N SER A 210 21.29 12.99 1.45
CA SER A 210 20.20 13.91 1.18
C SER A 210 18.93 13.20 0.75
N CYS A 211 17.81 13.67 1.29
CA CYS A 211 16.50 13.21 0.87
C CYS A 211 15.90 14.18 -0.15
N SER A 212 15.70 13.69 -1.37
CA SER A 212 15.09 14.45 -2.43
C SER A 212 13.59 14.16 -2.54
N VAL A 213 12.77 15.21 -2.47
CA VAL A 213 11.33 15.06 -2.57
C VAL A 213 10.78 15.97 -3.68
N MET A 214 9.95 15.39 -4.53
CA MET A 214 9.38 16.11 -5.67
C MET A 214 7.85 16.07 -5.62
N HIS A 215 7.24 17.24 -5.43
CA HIS A 215 5.80 17.37 -5.35
C HIS A 215 5.35 18.69 -5.97
N GLU A 216 4.16 18.68 -6.57
CA GLU A 216 3.69 19.86 -7.32
C GLU A 216 3.45 21.08 -6.46
N ALA A 217 3.13 20.87 -5.19
CA ALA A 217 2.89 21.98 -4.26
C ALA A 217 4.20 22.61 -3.80
N LEU A 218 5.28 21.85 -3.86
CA LEU A 218 6.59 22.31 -3.41
C LEU A 218 7.11 23.52 -4.17
N HIS A 219 8.20 24.09 -3.68
CA HIS A 219 8.89 25.16 -4.39
C HIS A 219 9.73 24.56 -5.51
N ASN A 220 9.53 25.04 -6.73
CA ASN A 220 10.18 24.49 -7.92
C ASN A 220 9.95 22.98 -8.07
N HIS A 221 8.85 22.51 -7.50
CA HIS A 221 8.48 21.09 -7.50
C HIS A 221 9.59 20.19 -6.95
N TYR A 222 10.46 20.75 -6.11
CA TYR A 222 11.60 20.00 -5.60
C TYR A 222 12.05 20.51 -4.24
N THR A 223 12.49 19.60 -3.36
CA THR A 223 13.11 19.98 -2.11
C THR A 223 14.15 18.96 -1.66
N GLN A 224 15.13 19.42 -0.90
CA GLN A 224 16.21 18.57 -0.41
C GLN A 224 16.37 18.73 1.10
N LYS A 225 16.56 17.60 1.80
CA LYS A 225 16.89 17.66 3.22
C LYS A 225 18.05 16.74 3.58
N SER A 226 19.17 17.34 3.98
CA SER A 226 20.39 16.60 4.28
C SER A 226 20.42 16.10 5.73
N LEU A 227 21.03 14.94 5.91
CA LEU A 227 21.14 14.30 7.21
C LEU A 227 22.57 13.77 7.41
N SER A 228 23.11 13.96 8.61
CA SER A 228 24.47 13.52 8.92
C SER A 228 24.68 13.39 10.42
N LEU A 229 25.62 12.53 10.80
CA LEU A 229 26.01 12.39 12.20
C LEU A 229 26.62 13.69 12.74
N GLY B 23 -20.70 -15.88 -12.19
CA GLY B 23 -21.77 -15.56 -11.26
C GLY B 23 -21.25 -14.91 -10.00
N PRO B 24 -21.55 -15.52 -8.84
CA PRO B 24 -21.11 -15.00 -7.54
C PRO B 24 -19.60 -15.14 -7.33
N SER B 25 -18.99 -14.15 -6.69
CA SER B 25 -17.56 -14.18 -6.41
C SER B 25 -17.28 -14.61 -4.97
N VAL B 26 -16.12 -15.22 -4.74
CA VAL B 26 -15.78 -15.73 -3.43
C VAL B 26 -14.42 -15.20 -2.97
N PHE B 27 -14.38 -14.66 -1.75
CA PHE B 27 -13.14 -14.15 -1.18
C PHE B 27 -12.88 -14.77 0.20
N LEU B 28 -11.61 -15.11 0.45
CA LEU B 28 -11.23 -15.66 1.75
C LEU B 28 -10.31 -14.72 2.51
N PHE B 29 -10.73 -14.32 3.71
CA PHE B 29 -9.96 -13.42 4.54
C PHE B 29 -9.38 -14.14 5.74
N PRO B 30 -8.05 -14.04 5.91
CA PRO B 30 -7.35 -14.65 7.04
C PRO B 30 -7.70 -13.98 8.37
N PRO B 31 -7.37 -14.63 9.50
CA PRO B 31 -7.59 -14.01 10.81
C PRO B 31 -6.68 -12.81 11.02
N LYS B 32 -7.15 -11.82 11.77
CA LYS B 32 -6.30 -10.70 12.16
C LYS B 32 -5.12 -11.20 12.98
N PRO B 33 -3.93 -10.64 12.74
CA PRO B 33 -2.71 -11.06 13.45
C PRO B 33 -2.87 -10.99 14.97
N LYS B 34 -3.46 -9.91 15.46
CA LYS B 34 -3.67 -9.72 16.89
C LYS B 34 -4.54 -10.82 17.48
N ASP B 35 -5.41 -11.40 16.65
CA ASP B 35 -6.30 -12.47 17.10
C ASP B 35 -5.55 -13.79 17.28
N THR B 36 -4.54 -14.00 16.43
CA THR B 36 -3.78 -15.25 16.45
C THR B 36 -2.61 -15.21 17.43
N LEU B 37 -2.05 -14.02 17.63
CA LEU B 37 -0.87 -13.89 18.49
C LEU B 37 -1.22 -13.89 19.98
N MET B 38 -2.44 -13.50 20.31
CA MET B 38 -2.90 -13.56 21.69
C MET B 38 -3.87 -14.71 21.90
N ILE B 39 -3.53 -15.61 22.83
CA ILE B 39 -4.37 -16.76 23.13
C ILE B 39 -5.70 -16.31 23.74
N SER B 40 -5.67 -15.16 24.42
CA SER B 40 -6.87 -14.61 25.04
C SER B 40 -7.93 -14.22 24.02
N ARG B 41 -7.47 -13.89 22.81
CA ARG B 41 -8.38 -13.44 21.76
C ARG B 41 -8.81 -14.60 20.86
N THR B 42 -9.83 -14.35 20.05
CA THR B 42 -10.39 -15.39 19.20
C THR B 42 -10.14 -15.11 17.71
N PRO B 43 -9.35 -15.97 17.06
CA PRO B 43 -9.08 -15.84 15.62
C PRO B 43 -10.12 -16.60 14.81
N GLU B 44 -10.30 -16.20 13.55
CA GLU B 44 -11.26 -16.86 12.67
C GLU B 44 -11.04 -16.56 11.20
N VAL B 45 -11.08 -17.60 10.38
CA VAL B 45 -11.00 -17.45 8.92
C VAL B 45 -12.40 -17.16 8.38
N THR B 46 -12.48 -16.23 7.43
CA THR B 46 -13.77 -15.76 6.94
C THR B 46 -13.96 -16.00 5.44
N CYS B 47 -15.00 -16.75 5.09
CA CYS B 47 -15.37 -16.96 3.70
C CYS B 47 -16.54 -16.08 3.30
N VAL B 48 -16.27 -15.06 2.50
CA VAL B 48 -17.30 -14.14 2.06
C VAL B 48 -17.65 -14.34 0.59
N VAL B 49 -18.86 -14.80 0.31
CA VAL B 49 -19.31 -14.91 -1.08
C VAL B 49 -20.36 -13.85 -1.42
N VAL B 50 -20.06 -13.05 -2.43
CA VAL B 50 -20.91 -11.93 -2.83
C VAL B 50 -21.44 -12.13 -4.26
N ASP B 51 -22.29 -11.20 -4.69
CA ASP B 51 -22.89 -11.22 -6.02
C ASP B 51 -23.72 -12.49 -6.29
N VAL B 52 -24.13 -13.16 -5.22
CA VAL B 52 -25.04 -14.30 -5.34
C VAL B 52 -26.42 -13.81 -5.79
N SER B 53 -27.00 -14.47 -6.79
CA SER B 53 -28.21 -14.01 -7.44
C SER B 53 -29.41 -13.95 -6.50
N HIS B 54 -30.32 -13.02 -6.78
CA HIS B 54 -31.52 -12.82 -5.98
C HIS B 54 -32.46 -14.02 -6.01
N GLU B 55 -32.42 -14.77 -7.11
CA GLU B 55 -33.32 -15.90 -7.29
C GLU B 55 -32.67 -17.23 -6.93
N ASP B 56 -31.48 -17.16 -6.34
CA ASP B 56 -30.81 -18.36 -5.83
C ASP B 56 -30.22 -18.08 -4.45
N PRO B 57 -31.07 -18.12 -3.41
CA PRO B 57 -30.69 -17.74 -2.04
C PRO B 57 -29.85 -18.80 -1.33
N GLU B 58 -29.94 -20.05 -1.77
CA GLU B 58 -29.35 -21.16 -1.04
C GLU B 58 -27.92 -21.48 -1.49
N VAL B 59 -26.97 -21.26 -0.58
CA VAL B 59 -25.58 -21.60 -0.82
C VAL B 59 -25.14 -22.76 0.09
N LYS B 60 -24.01 -23.37 -0.23
CA LYS B 60 -23.52 -24.50 0.55
C LYS B 60 -22.02 -24.43 0.80
N PHE B 61 -21.63 -24.17 2.04
CA PHE B 61 -20.22 -24.07 2.42
C PHE B 61 -19.63 -25.44 2.78
N ASN B 62 -18.34 -25.59 2.48
CA ASN B 62 -17.58 -26.78 2.85
C ASN B 62 -16.17 -26.41 3.28
N TRP B 63 -15.95 -26.37 4.60
CA TRP B 63 -14.64 -26.02 5.13
C TRP B 63 -13.72 -27.22 5.29
N TYR B 64 -12.45 -27.05 4.95
CA TYR B 64 -11.46 -28.11 5.02
C TYR B 64 -10.16 -27.66 5.68
N VAL B 65 -9.81 -28.32 6.78
CA VAL B 65 -8.55 -28.10 7.47
C VAL B 65 -7.57 -29.21 7.11
N ASP B 66 -6.59 -28.86 6.27
CA ASP B 66 -5.61 -29.81 5.76
C ASP B 66 -6.30 -31.05 5.20
N GLY B 67 -7.24 -30.82 4.28
CA GLY B 67 -7.97 -31.91 3.68
C GLY B 67 -9.17 -32.35 4.50
N VAL B 68 -9.03 -32.39 5.82
CA VAL B 68 -10.10 -32.91 6.66
C VAL B 68 -11.26 -31.93 6.79
N GLU B 69 -12.44 -32.34 6.35
CA GLU B 69 -13.61 -31.47 6.38
C GLU B 69 -14.09 -31.23 7.79
N VAL B 70 -14.34 -29.97 8.13
CA VAL B 70 -14.84 -29.63 9.47
C VAL B 70 -16.26 -29.09 9.43
N HIS B 71 -16.99 -29.26 10.52
CA HIS B 71 -18.39 -28.87 10.58
C HIS B 71 -18.71 -28.06 11.83
N ASN B 72 -17.75 -27.25 12.28
CA ASN B 72 -17.96 -26.37 13.42
C ASN B 72 -18.10 -24.91 13.00
N ALA B 73 -18.22 -24.68 11.70
CA ALA B 73 -18.37 -23.34 11.17
C ALA B 73 -19.71 -22.71 11.58
N LYS B 74 -19.85 -21.41 11.29
CA LYS B 74 -21.07 -20.70 11.63
C LYS B 74 -21.37 -19.62 10.58
N THR B 75 -22.57 -19.67 10.02
CA THR B 75 -22.95 -18.75 8.95
C THR B 75 -23.62 -17.50 9.50
N LYS B 76 -22.96 -16.35 9.30
CA LYS B 76 -23.48 -15.07 9.75
C LYS B 76 -24.76 -14.73 9.01
N PRO B 77 -25.60 -13.85 9.58
CA PRO B 77 -26.81 -13.45 8.87
C PRO B 77 -26.51 -12.70 7.57
N ARG B 78 -27.35 -12.91 6.57
CA ARG B 78 -27.14 -12.33 5.25
C ARG B 78 -27.79 -10.97 5.07
N GLU B 79 -27.33 -10.27 4.04
CA GLU B 79 -27.53 -8.84 3.89
C GLU B 79 -28.23 -8.67 2.55
N GLU B 80 -29.19 -7.76 2.46
CA GLU B 80 -29.64 -7.32 1.15
C GLU B 80 -29.12 -5.93 0.82
N PHE B 81 -28.52 -5.82 -0.36
CA PHE B 81 -27.94 -4.58 -0.81
C PHE B 81 -28.89 -3.86 -1.78
N ALA B 82 -28.50 -2.65 -2.15
CA ALA B 82 -29.22 -1.88 -3.14
C ALA B 82 -29.16 -2.65 -4.44
N ASN B 83 -28.07 -3.37 -4.68
CA ASN B 83 -27.96 -4.15 -5.90
C ASN B 83 -29.08 -5.17 -5.96
N SER B 84 -29.40 -5.71 -4.77
CA SER B 84 -30.32 -6.83 -4.62
C SER B 84 -29.59 -8.15 -4.82
N THR B 85 -28.28 -8.09 -5.01
CA THR B 85 -27.50 -9.30 -4.97
C THR B 85 -27.11 -9.52 -3.54
N TYR B 86 -27.56 -10.63 -2.97
CA TYR B 86 -27.27 -11.02 -1.58
C TYR B 86 -25.80 -11.43 -1.32
N ARG B 87 -25.38 -11.29 -0.06
CA ARG B 87 -24.00 -11.48 0.36
C ARG B 87 -23.98 -12.43 1.55
N VAL B 88 -23.41 -13.61 1.36
CA VAL B 88 -23.40 -14.61 2.43
C VAL B 88 -22.00 -14.84 2.99
N VAL B 89 -21.89 -14.76 4.31
CA VAL B 89 -20.61 -14.87 5.00
C VAL B 89 -20.59 -16.05 5.96
N SER B 90 -19.55 -16.87 5.87
CA SER B 90 -19.37 -17.99 6.77
C SER B 90 -18.08 -17.84 7.56
N VAL B 91 -18.14 -18.00 8.88
CA VAL B 91 -16.98 -17.80 9.73
C VAL B 91 -16.56 -19.08 10.43
N LEU B 92 -15.28 -19.43 10.30
CA LEU B 92 -14.74 -20.58 11.02
C LEU B 92 -13.71 -20.16 12.06
N THR B 93 -14.00 -20.42 13.33
CA THR B 93 -13.05 -20.12 14.39
C THR B 93 -11.94 -21.17 14.40
N VAL B 94 -10.69 -20.71 14.45
CA VAL B 94 -9.55 -21.60 14.38
C VAL B 94 -8.76 -21.61 15.67
N LEU B 95 -7.86 -22.59 15.80
CA LEU B 95 -6.94 -22.65 16.93
C LEU B 95 -5.67 -21.87 16.58
N HIS B 96 -5.21 -21.05 17.52
CA HIS B 96 -4.07 -20.16 17.30
C HIS B 96 -2.86 -20.88 16.73
N GLN B 97 -2.57 -22.07 17.26
CA GLN B 97 -1.39 -22.81 16.85
C GLN B 97 -1.60 -23.43 15.46
N ASP B 98 -2.82 -23.84 15.17
CA ASP B 98 -3.15 -24.40 13.86
C ASP B 98 -2.84 -23.42 12.73
N TRP B 99 -3.12 -22.14 12.98
CA TRP B 99 -2.76 -21.09 12.03
C TRP B 99 -1.27 -20.81 12.10
N LEU B 100 -0.73 -20.81 13.31
CA LEU B 100 0.71 -20.59 13.50
C LEU B 100 1.53 -21.76 12.94
N ASN B 101 0.92 -22.93 12.85
CA ASN B 101 1.59 -24.08 12.25
C ASN B 101 1.46 -24.08 10.73
N GLY B 102 0.75 -23.09 10.19
CA GLY B 102 0.62 -22.94 8.75
C GLY B 102 -0.28 -24.00 8.12
N LYS B 103 -1.29 -24.43 8.85
CA LYS B 103 -2.28 -25.35 8.31
C LYS B 103 -3.15 -24.67 7.26
N GLU B 104 -3.38 -25.35 6.15
CA GLU B 104 -4.20 -24.82 5.07
C GLU B 104 -5.68 -24.82 5.44
N TYR B 105 -6.40 -23.80 4.98
CA TYR B 105 -7.84 -23.73 5.15
C TYR B 105 -8.52 -23.53 3.80
N LYS B 106 -9.43 -24.43 3.46
CA LYS B 106 -10.06 -24.42 2.14
C LYS B 106 -11.57 -24.24 2.25
N CYS B 107 -12.08 -23.17 1.65
CA CYS B 107 -13.51 -22.91 1.62
C CYS B 107 -14.10 -23.29 0.27
N LYS B 108 -15.06 -24.21 0.28
CA LYS B 108 -15.77 -24.59 -0.93
C LYS B 108 -17.18 -23.98 -0.93
N VAL B 109 -17.42 -23.06 -1.85
CA VAL B 109 -18.75 -22.47 -1.99
C VAL B 109 -19.55 -23.08 -3.13
N SER B 110 -20.72 -23.60 -2.81
CA SER B 110 -21.60 -24.20 -3.82
C SER B 110 -22.84 -23.33 -4.03
N ASN B 111 -23.17 -23.06 -5.28
CA ASN B 111 -24.34 -22.25 -5.62
C ASN B 111 -25.12 -22.84 -6.79
N LYS B 112 -26.43 -22.61 -6.79
CA LYS B 112 -27.32 -23.17 -7.81
C LYS B 112 -27.09 -22.56 -9.19
N ALA B 113 -26.55 -21.34 -9.23
CA ALA B 113 -26.29 -20.66 -10.49
C ALA B 113 -25.03 -21.20 -11.17
N LEU B 114 -23.94 -21.31 -10.41
CA LEU B 114 -22.68 -21.81 -10.94
C LEU B 114 -22.76 -23.29 -11.30
N PRO B 115 -22.01 -23.70 -12.34
CA PRO B 115 -21.90 -25.12 -12.68
C PRO B 115 -20.95 -25.86 -11.76
N ALA B 116 -19.78 -25.28 -11.53
CA ALA B 116 -18.79 -25.87 -10.63
C ALA B 116 -18.57 -24.98 -9.42
N PRO B 117 -18.59 -25.57 -8.21
CA PRO B 117 -18.35 -24.83 -6.96
C PRO B 117 -17.02 -24.09 -6.98
N ILE B 118 -16.97 -22.92 -6.34
CA ILE B 118 -15.73 -22.17 -6.25
C ILE B 118 -14.92 -22.60 -5.04
N GLU B 119 -13.74 -23.16 -5.30
CA GLU B 119 -12.83 -23.56 -4.23
C GLU B 119 -11.80 -22.46 -3.99
N LYS B 120 -11.65 -22.05 -2.74
CA LYS B 120 -10.64 -21.07 -2.38
C LYS B 120 -9.78 -21.62 -1.25
N THR B 121 -8.53 -21.16 -1.16
CA THR B 121 -7.63 -21.65 -0.13
C THR B 121 -6.78 -20.53 0.46
N ILE B 122 -6.73 -20.45 1.78
CA ILE B 122 -5.91 -19.46 2.47
C ILE B 122 -5.10 -20.16 3.56
N SER B 123 -3.91 -19.63 3.82
CA SER B 123 -3.04 -20.14 4.87
C SER B 123 -2.03 -19.08 5.29
N LYS B 124 -1.32 -19.34 6.37
CA LYS B 124 -0.27 -18.43 6.81
C LYS B 124 0.83 -18.41 5.75
N ALA B 125 1.36 -17.23 5.49
CA ALA B 125 2.42 -17.08 4.49
C ALA B 125 3.59 -18.02 4.77
N LYS B 126 3.90 -18.86 3.80
CA LYS B 126 4.94 -19.88 3.96
C LYS B 126 6.33 -19.29 3.84
N GLY B 127 7.24 -19.74 4.71
CA GLY B 127 8.60 -19.27 4.69
C GLY B 127 9.18 -19.09 6.08
N GLN B 128 10.51 -19.12 6.17
CA GLN B 128 11.22 -18.94 7.44
C GLN B 128 10.92 -17.59 8.07
N PRO B 129 10.27 -17.59 9.25
CA PRO B 129 9.90 -16.36 9.94
C PRO B 129 11.10 -15.60 10.49
N ARG B 130 11.01 -14.28 10.50
CA ARG B 130 12.07 -13.44 11.04
C ARG B 130 11.50 -12.48 12.11
N GLU B 131 12.18 -12.37 13.24
CA GLU B 131 11.71 -11.51 14.32
C GLU B 131 12.06 -10.05 14.04
N PRO B 132 11.05 -9.18 14.02
CA PRO B 132 11.22 -7.76 13.72
C PRO B 132 12.06 -7.01 14.74
N GLN B 133 12.92 -6.13 14.26
CA GLN B 133 13.60 -5.19 15.13
C GLN B 133 12.80 -3.89 15.14
N VAL B 134 12.71 -3.25 16.30
CA VAL B 134 11.87 -2.06 16.42
C VAL B 134 12.62 -0.89 17.05
N TYR B 135 12.63 0.24 16.35
CA TYR B 135 13.37 1.41 16.78
C TYR B 135 12.47 2.64 16.83
N THR B 136 12.43 3.30 17.99
CA THR B 136 11.63 4.51 18.14
C THR B 136 12.44 5.75 17.80
N LEU B 137 11.86 6.61 16.97
CA LEU B 137 12.51 7.82 16.50
C LEU B 137 11.70 9.05 16.89
N PRO B 138 12.33 9.98 17.61
CA PRO B 138 11.74 11.26 18.04
C PRO B 138 11.59 12.22 16.86
N PRO B 139 10.78 13.28 17.02
CA PRO B 139 10.60 14.22 15.91
C PRO B 139 11.85 15.03 15.59
N SER B 140 11.72 15.94 14.63
CA SER B 140 12.83 16.81 14.24
C SER B 140 12.65 18.21 14.81
N ARG B 141 13.75 18.94 14.95
CA ARG B 141 13.69 20.27 15.51
C ARG B 141 12.82 21.12 14.62
N GLU B 142 12.95 20.88 13.31
CA GLU B 142 12.27 21.69 12.32
C GLU B 142 10.77 21.61 12.54
N GLU B 143 10.33 20.42 12.95
CA GLU B 143 8.94 20.17 13.35
C GLU B 143 8.48 20.87 14.64
N MET B 144 9.42 21.23 15.50
CA MET B 144 9.08 21.68 16.85
C MET B 144 8.22 22.92 16.77
N THR B 145 8.48 23.72 15.75
CA THR B 145 7.80 25.00 15.56
C THR B 145 6.28 24.81 15.56
N LYS B 146 5.84 23.57 15.40
CA LYS B 146 4.43 23.30 15.13
C LYS B 146 3.69 22.89 16.41
N ASN B 147 2.39 23.13 16.42
CA ASN B 147 1.53 22.68 17.51
C ASN B 147 1.53 21.17 17.66
N GLN B 148 1.55 20.47 16.53
CA GLN B 148 1.50 19.01 16.54
C GLN B 148 2.71 18.40 15.84
N VAL B 149 3.52 17.67 16.62
CA VAL B 149 4.68 16.96 16.08
C VAL B 149 4.41 15.47 15.96
N SER B 150 5.31 14.77 15.28
CA SER B 150 5.14 13.35 15.00
C SER B 150 6.20 12.47 15.67
N LEU B 151 5.77 11.30 16.11
CA LEU B 151 6.65 10.29 16.66
C LEU B 151 6.67 9.08 15.71
N THR B 152 7.84 8.49 15.53
CA THR B 152 7.98 7.43 14.53
C THR B 152 8.38 6.10 15.18
N CYS B 153 7.79 5.02 14.68
CA CYS B 153 8.20 3.68 15.09
C CYS B 153 8.57 2.84 13.86
N LEU B 154 9.86 2.54 13.74
CA LEU B 154 10.35 1.72 12.64
C LEU B 154 10.37 0.25 13.01
N VAL B 155 9.62 -0.56 12.27
CA VAL B 155 9.61 -2.01 12.52
C VAL B 155 10.12 -2.74 11.28
N LYS B 156 11.32 -3.31 11.36
CA LYS B 156 11.94 -3.87 10.16
C LYS B 156 12.36 -5.33 10.30
N GLY B 157 12.61 -5.96 9.15
CA GLY B 157 13.16 -7.30 9.11
C GLY B 157 12.25 -8.39 9.66
N PHE B 158 10.95 -8.27 9.42
CA PHE B 158 10.01 -9.29 9.87
C PHE B 158 9.41 -10.07 8.71
N TYR B 159 9.24 -11.37 8.92
CA TYR B 159 8.51 -12.22 8.00
C TYR B 159 7.62 -13.14 8.82
N PRO B 160 6.37 -13.35 8.38
CA PRO B 160 5.77 -12.76 7.18
C PRO B 160 5.19 -11.36 7.42
N SER B 161 4.38 -10.89 6.48
CA SER B 161 3.83 -9.55 6.55
C SER B 161 2.83 -9.40 7.69
N ASP B 162 2.31 -10.53 8.19
CA ASP B 162 1.34 -10.48 9.26
C ASP B 162 2.01 -9.85 10.47
N ILE B 163 1.44 -8.76 10.97
CA ILE B 163 1.98 -8.06 12.13
C ILE B 163 0.99 -6.99 12.58
N ALA B 164 1.02 -6.64 13.87
CA ALA B 164 0.14 -5.59 14.37
C ALA B 164 0.90 -4.63 15.26
N VAL B 165 0.80 -3.33 14.97
CA VAL B 165 1.54 -2.32 15.73
C VAL B 165 0.60 -1.28 16.31
N GLU B 166 0.85 -0.91 17.56
CA GLU B 166 -0.01 0.05 18.26
C GLU B 166 0.80 1.08 19.04
N TRP B 167 0.13 2.14 19.47
CA TRP B 167 0.76 3.20 20.24
C TRP B 167 0.01 3.41 21.55
N GLU B 168 0.74 3.65 22.63
CA GLU B 168 0.10 3.84 23.93
C GLU B 168 0.90 4.78 24.83
N SER B 169 0.23 5.32 25.85
CA SER B 169 0.92 6.13 26.86
C SER B 169 0.27 5.98 28.23
N ASN B 170 1.09 5.72 29.23
CA ASN B 170 0.64 5.55 30.62
C ASN B 170 -0.50 4.53 30.77
N GLY B 171 -0.36 3.41 30.07
CA GLY B 171 -1.33 2.32 30.17
C GLY B 171 -2.43 2.35 29.11
N GLN B 172 -3.01 3.52 28.89
CA GLN B 172 -4.12 3.64 27.96
C GLN B 172 -3.67 3.95 26.54
N PRO B 173 -4.39 3.43 25.53
CA PRO B 173 -4.11 3.67 24.10
C PRO B 173 -3.97 5.14 23.75
N GLU B 174 -3.12 5.44 22.78
CA GLU B 174 -2.87 6.82 22.39
C GLU B 174 -3.75 7.19 21.19
N ASN B 175 -3.98 8.49 21.02
CA ASN B 175 -4.83 8.97 19.93
C ASN B 175 -4.05 9.54 18.75
N ASN B 176 -4.65 9.43 17.57
CA ASN B 176 -4.08 9.96 16.32
C ASN B 176 -2.77 9.30 15.91
N TYR B 177 -2.84 8.03 15.54
CA TYR B 177 -1.70 7.35 14.91
C TYR B 177 -2.15 6.57 13.68
N LYS B 178 -1.25 6.45 12.70
CA LYS B 178 -1.51 5.59 11.56
C LYS B 178 -0.29 4.73 11.22
N THR B 179 -0.54 3.52 10.75
CA THR B 179 0.54 2.59 10.40
C THR B 179 0.55 2.29 8.90
N THR B 180 1.70 2.50 8.28
CA THR B 180 1.86 2.23 6.85
C THR B 180 1.87 0.73 6.57
N PRO B 181 1.34 0.32 5.40
CA PRO B 181 1.37 -1.08 4.97
C PRO B 181 2.78 -1.67 4.95
N PRO B 182 2.89 -3.01 5.02
CA PRO B 182 4.19 -3.67 4.94
C PRO B 182 4.82 -3.52 3.55
N VAL B 183 6.12 -3.26 3.51
CA VAL B 183 6.82 -3.06 2.25
C VAL B 183 7.94 -4.09 2.08
N LEU B 184 8.02 -4.69 0.90
CA LEU B 184 9.06 -5.68 0.63
C LEU B 184 10.43 -5.03 0.54
N ASP B 185 11.36 -5.52 1.36
CA ASP B 185 12.69 -4.91 1.45
C ASP B 185 13.70 -5.72 0.63
N SER B 186 14.95 -5.26 0.64
CA SER B 186 16.01 -5.88 -0.14
C SER B 186 16.28 -7.32 0.28
N ASP B 187 16.45 -7.53 1.58
CA ASP B 187 16.75 -8.85 2.13
C ASP B 187 15.53 -9.78 2.17
N GLY B 188 14.57 -9.54 1.29
CA GLY B 188 13.39 -10.39 1.19
C GLY B 188 12.45 -10.34 2.38
N SER B 189 12.66 -9.37 3.26
CA SER B 189 11.82 -9.22 4.44
C SER B 189 10.94 -7.98 4.31
N PHE B 190 10.05 -7.79 5.28
CA PHE B 190 9.15 -6.64 5.27
C PHE B 190 9.58 -5.59 6.29
N PHE B 191 9.13 -4.36 6.09
CA PHE B 191 9.26 -3.33 7.11
C PHE B 191 8.06 -2.39 7.08
N LEU B 192 7.89 -1.63 8.16
CA LEU B 192 6.86 -0.61 8.22
C LEU B 192 7.27 0.55 9.12
N TYR B 193 6.51 1.63 9.01
CA TYR B 193 6.70 2.82 9.82
C TYR B 193 5.36 3.22 10.41
N SER B 194 5.34 3.52 11.71
CA SER B 194 4.10 3.97 12.34
C SER B 194 4.24 5.40 12.86
N LYS B 195 3.29 6.26 12.53
CA LYS B 195 3.38 7.66 12.92
C LYS B 195 2.30 8.04 13.92
N LEU B 196 2.74 8.55 15.07
CA LEU B 196 1.83 9.00 16.11
C LEU B 196 1.91 10.51 16.28
N THR B 197 0.79 11.20 16.04
CA THR B 197 0.80 12.66 16.13
C THR B 197 0.38 13.12 17.53
N VAL B 198 1.26 13.89 18.16
CA VAL B 198 0.96 14.43 19.49
C VAL B 198 1.27 15.92 19.56
N ASP B 199 0.68 16.60 20.53
CA ASP B 199 0.94 18.03 20.74
C ASP B 199 2.38 18.28 21.15
N LYS B 200 2.90 19.45 20.81
CA LYS B 200 4.26 19.84 21.18
C LYS B 200 4.43 19.84 22.70
N SER B 201 3.35 20.24 23.39
CA SER B 201 3.33 20.25 24.84
C SER B 201 3.64 18.88 25.43
N ARG B 202 2.82 17.89 25.07
CA ARG B 202 2.95 16.54 25.61
C ARG B 202 4.33 15.93 25.36
N TRP B 203 5.05 16.47 24.37
CA TRP B 203 6.42 16.06 24.11
C TRP B 203 7.39 16.83 24.99
N GLN B 204 7.07 18.10 25.24
CA GLN B 204 7.93 18.94 26.07
C GLN B 204 7.64 18.77 27.56
N GLN B 205 6.43 18.31 27.88
CA GLN B 205 6.04 18.11 29.28
C GLN B 205 6.73 16.89 29.90
N GLY B 206 7.39 16.09 29.07
CA GLY B 206 8.19 14.98 29.55
C GLY B 206 7.45 13.67 29.67
N ASN B 207 6.26 13.60 29.09
CA ASN B 207 5.50 12.35 29.08
C ASN B 207 6.20 11.28 28.25
N VAL B 208 5.92 10.02 28.56
CA VAL B 208 6.58 8.91 27.88
C VAL B 208 5.58 8.07 27.09
N PHE B 209 5.86 7.90 25.80
CA PHE B 209 4.98 7.13 24.92
C PHE B 209 5.62 5.78 24.61
N SER B 210 4.87 4.90 23.95
CA SER B 210 5.34 3.54 23.73
C SER B 210 4.78 2.92 22.45
N CYS B 211 5.69 2.33 21.67
CA CYS B 211 5.35 1.54 20.49
C CYS B 211 5.26 0.07 20.87
N SER B 212 4.07 -0.49 20.69
CA SER B 212 3.82 -1.90 20.96
C SER B 212 3.79 -2.70 19.66
N VAL B 213 4.77 -3.59 19.49
CA VAL B 213 4.84 -4.40 18.28
C VAL B 213 4.48 -5.85 18.56
N MET B 214 3.54 -6.37 17.77
CA MET B 214 3.04 -7.73 17.89
C MET B 214 3.33 -8.54 16.63
N HIS B 215 4.33 -9.42 16.72
CA HIS B 215 4.67 -10.32 15.62
C HIS B 215 4.94 -11.73 16.17
N GLU B 216 4.71 -12.74 15.36
CA GLU B 216 4.77 -14.13 15.81
C GLU B 216 6.20 -14.59 16.14
N ALA B 217 7.18 -14.03 15.45
CA ALA B 217 8.57 -14.44 15.63
C ALA B 217 9.20 -13.74 16.83
N LEU B 218 8.46 -12.80 17.42
CA LEU B 218 8.89 -12.12 18.64
C LEU B 218 8.79 -13.04 19.85
N HIS B 219 9.32 -12.57 20.98
CA HIS B 219 9.18 -13.30 22.23
C HIS B 219 7.80 -13.03 22.84
N ASN B 220 7.10 -14.10 23.18
CA ASN B 220 5.71 -14.02 23.65
C ASN B 220 4.81 -13.25 22.68
N HIS B 221 5.20 -13.24 21.41
CA HIS B 221 4.48 -12.56 20.35
C HIS B 221 4.26 -11.07 20.64
N TYR B 222 5.17 -10.47 21.40
CA TYR B 222 5.00 -9.09 21.84
C TYR B 222 6.31 -8.44 22.24
N THR B 223 6.48 -7.18 21.83
CA THR B 223 7.59 -6.37 22.30
C THR B 223 7.15 -4.91 22.40
N GLN B 224 7.95 -4.09 23.07
CA GLN B 224 7.55 -2.72 23.38
C GLN B 224 8.75 -1.82 23.55
N LYS B 225 8.74 -0.68 22.85
CA LYS B 225 9.82 0.29 22.96
C LYS B 225 9.27 1.65 23.39
N SER B 226 9.85 2.23 24.43
CA SER B 226 9.36 3.49 24.98
C SER B 226 10.15 4.69 24.49
N LEU B 227 9.45 5.63 23.87
CA LEU B 227 10.05 6.85 23.37
C LEU B 227 9.67 8.05 24.24
N SER B 228 10.65 8.90 24.55
CA SER B 228 10.42 10.05 25.40
C SER B 228 11.44 11.15 25.12
N LEU B 229 11.13 12.37 25.57
CA LEU B 229 12.01 13.51 25.38
C LEU B 229 13.32 13.33 26.16
C1 NAG C . -3.40 -12.99 -21.12
C2 NAG C . -4.44 -12.69 -20.02
C3 NAG C . -4.48 -11.20 -19.65
C4 NAG C . -3.08 -10.64 -19.38
C5 NAG C . -2.20 -11.00 -20.59
C6 NAG C . -0.80 -10.44 -20.44
C7 NAG C . -6.43 -14.16 -20.09
C8 NAG C . -7.77 -14.44 -20.69
N2 NAG C . -5.76 -13.07 -20.48
O3 NAG C . -5.33 -11.00 -18.53
O4 NAG C . -3.06 -9.23 -19.33
O5 NAG C . -2.15 -12.39 -20.82
O6 NAG C . -0.29 -10.97 -19.25
O7 NAG C . -5.98 -14.95 -19.27
C1 NAG C . -3.32 -8.64 -18.07
C2 NAG C . -2.54 -7.31 -17.90
C3 NAG C . -2.88 -6.64 -16.55
C4 NAG C . -4.39 -6.59 -16.30
C5 NAG C . -5.03 -7.93 -16.64
C6 NAG C . -6.55 -7.85 -16.51
C7 NAG C . -0.33 -6.85 -18.79
C8 NAG C . 1.10 -7.21 -18.63
N2 NAG C . -1.11 -7.50 -17.96
O3 NAG C . -2.34 -5.32 -16.55
O4 NAG C . -4.70 -6.30 -14.95
O5 NAG C . -4.69 -8.37 -17.94
O6 NAG C . -7.08 -9.15 -16.66
O7 NAG C . -0.73 -6.04 -19.66
C1 BMA C . -4.77 -4.91 -14.72
C2 BMA C . -5.84 -4.64 -13.69
C3 BMA C . -5.81 -3.15 -13.29
C4 BMA C . -4.44 -2.65 -12.87
C5 BMA C . -3.44 -3.01 -13.93
C6 BMA C . -2.04 -2.64 -13.48
O2 BMA C . -5.62 -5.48 -12.54
O3 BMA C . -6.60 -2.92 -12.14
O4 BMA C . -4.52 -1.21 -12.72
O5 BMA C . -3.50 -4.40 -14.29
O6 BMA C . -1.26 -2.95 -14.64
C1 MAN C . 0.07 -2.48 -14.46
C2 MAN C . 0.74 -2.47 -15.82
C3 MAN C . 1.08 -3.92 -16.24
C4 MAN C . 1.90 -4.67 -15.18
C5 MAN C . 1.14 -4.60 -13.85
C6 MAN C . 1.92 -5.19 -12.69
O2 MAN C . 1.95 -1.76 -15.70
O3 MAN C . 1.75 -3.92 -17.47
O4 MAN C . 2.15 -6.02 -15.55
O5 MAN C . 0.84 -3.24 -13.54
O6 MAN C . 1.21 -4.95 -11.49
C1 NAG C . 1.83 -0.35 -15.72
C2 NAG C . 2.92 0.26 -14.83
C3 NAG C . 2.90 1.78 -15.05
C4 NAG C . 2.95 2.16 -16.55
C5 NAG C . 1.78 1.44 -17.22
C6 NAG C . 1.63 1.68 -18.71
C7 NAG C . 3.40 -1.05 -12.82
C8 NAG C . 3.03 -1.30 -11.37
N2 NAG C . 2.70 -0.11 -13.44
O3 NAG C . 3.98 2.31 -14.31
O4 NAG C . 2.90 3.54 -16.91
O5 NAG C . 2.03 0.08 -17.04
O6 NAG C . 2.69 1.07 -19.36
O7 NAG C . 4.31 -1.70 -13.35
C1 NAG D . -22.88 -5.10 -5.58
C2 NAG D . -21.61 -5.30 -6.43
C3 NAG D . -20.50 -6.02 -5.65
C4 NAG D . -20.27 -5.40 -4.27
C5 NAG D . -21.63 -5.34 -3.57
C6 NAG D . -21.49 -4.78 -2.16
C7 NAG D . -22.05 -5.60 -8.84
C8 NAG D . -22.43 -6.54 -9.94
N2 NAG D . -21.92 -6.10 -7.61
O3 NAG D . -19.30 -6.04 -6.42
O4 NAG D . -19.46 -6.22 -3.44
O5 NAG D . -22.56 -4.59 -4.30
O6 NAG D . -20.90 -3.50 -2.29
O7 NAG D . -21.89 -4.42 -9.11
C1 NAG D . -18.06 -6.05 -3.53
C2 NAG D . -17.37 -6.31 -2.19
C3 NAG D . -15.84 -6.19 -2.30
C4 NAG D . -15.30 -6.96 -3.50
C5 NAG D . -16.16 -6.71 -4.75
C6 NAG D . -15.71 -7.58 -5.91
C7 NAG D . -18.30 -5.80 0.00
C8 NAG D . -18.64 -4.65 0.89
N2 NAG D . -17.81 -5.40 -1.16
O3 NAG D . -15.23 -6.68 -1.11
O4 NAG D . -13.97 -6.59 -3.84
O5 NAG D . -17.54 -6.95 -4.49
O6 NAG D . -16.43 -7.17 -7.06
O7 NAG D . -18.49 -6.99 0.32
C1 BMA D . -13.02 -7.36 -3.12
C2 BMA D . -11.82 -7.59 -4.01
C3 BMA D . -10.71 -8.26 -3.18
C4 BMA D . -10.37 -7.55 -1.89
C5 BMA D . -11.63 -7.31 -1.12
C6 BMA D . -11.35 -6.48 0.12
O2 BMA D . -11.37 -6.33 -4.56
O3 BMA D . -9.49 -8.23 -3.90
O4 BMA D . -9.47 -8.38 -1.14
O5 BMA D . -12.66 -6.69 -1.91
O6 BMA D . -12.62 -6.47 0.77
C1 MAN D . -9.11 -9.52 -4.40
C2 MAN D . -7.63 -9.38 -4.73
C3 MAN D . -7.49 -8.36 -5.84
C4 MAN D . -8.20 -8.89 -7.07
C5 MAN D . -9.67 -9.12 -6.72
C6 MAN D . -10.45 -9.80 -7.82
O2 MAN D . -7.04 -10.59 -5.14
O3 MAN D . -6.13 -8.18 -6.09
O4 MAN D . -8.06 -7.95 -8.11
O5 MAN D . -9.85 -9.91 -5.55
O6 MAN D . -11.80 -9.74 -7.40
C1 NAG D . -6.63 -11.34 -3.99
C2 NAG D . -6.61 -12.81 -4.43
C3 NAG D . -5.95 -13.68 -3.36
C4 NAG D . -4.62 -13.10 -2.89
C5 NAG D . -4.79 -11.63 -2.45
C6 NAG D . -3.46 -11.01 -2.02
C7 NAG D . -8.36 -13.98 -5.73
C8 NAG D . -8.24 -15.49 -5.60
N2 NAG D . -7.98 -13.26 -4.67
O3 NAG D . -5.77 -15.00 -3.85
O4 NAG D . -4.15 -13.88 -1.80
O5 NAG D . -5.39 -10.87 -3.49
O6 NAG D . -2.77 -10.43 -3.10
O7 NAG D . -8.80 -13.47 -6.76
C1 MAN D . -12.56 -5.95 2.06
C2 MAN D . -13.80 -6.30 2.86
C3 MAN D . -14.99 -5.45 2.34
C4 MAN D . -14.70 -3.94 2.35
C5 MAN D . -13.42 -3.72 1.54
C6 MAN D . -12.94 -2.26 1.58
O2 MAN D . -13.57 -5.96 4.20
O3 MAN D . -16.13 -5.73 3.10
O4 MAN D . -15.78 -3.18 1.82
O5 MAN D . -12.37 -4.54 2.05
O6 MAN D . -11.68 -2.18 0.94
C1 NAG D . -12.73 -6.83 4.93
C2 NAG D . -11.90 -6.08 5.97
C3 NAG D . -11.25 -7.13 6.91
C4 NAG D . -12.30 -8.15 7.45
C5 NAG D . -12.99 -8.75 6.23
C6 NAG D . -14.06 -9.81 6.53
C7 NAG D . -11.04 -3.92 5.20
C8 NAG D . -9.92 -3.20 4.51
N2 NAG D . -10.91 -5.24 5.32
O3 NAG D . -10.59 -6.44 7.92
O4 NAG D . -11.83 -9.21 8.28
O5 NAG D . -13.63 -7.69 5.59
O6 NAG D . -15.14 -9.16 7.13
O7 NAG D . -12.03 -3.29 5.64
C1 FUC D . -21.61 -2.56 -1.47
C2 FUC D . -20.83 -1.27 -1.25
C3 FUC D . -20.69 -0.57 -2.60
C4 FUC D . -22.07 -0.30 -3.24
C5 FUC D . -22.87 -1.60 -3.31
C6 FUC D . -24.30 -1.44 -3.82
O2 FUC D . -19.59 -1.46 -0.60
O3 FUC D . -19.92 0.61 -2.43
O4 FUC D . -22.85 0.60 -2.50
O5 FUC D . -22.89 -2.26 -2.04
C1 GOL E . -1.11 -10.04 1.26
O1 GOL E . -1.64 -9.23 0.22
C2 GOL E . -1.39 -11.50 0.96
O2 GOL E . -0.26 -12.28 1.26
C3 GOL E . -2.58 -11.97 1.79
O3 GOL E . -2.86 -13.32 1.49
#